data_1L2I
#
_entry.id   1L2I
#
_cell.length_a   54.545
_cell.length_b   82.600
_cell.length_c   59.040
_cell.angle_alpha   90.00
_cell.angle_beta   111.53
_cell.angle_gamma   90.00
#
_symmetry.space_group_name_H-M   'P 1 21 1'
#
loop_
_entity.id
_entity.type
_entity.pdbx_description
1 polymer 'ESTROGEN RECEPTOR'
2 polymer 'GLUCOCORTICOID RECEPTOR-INTERACTING PROTEIN 1'
3 non-polymer 'CHLORIDE ION'
4 non-polymer (R,R)-5,11-CIS-DIETHYL-5,6,11,12-TETRAHYDROCHRYSENE-2,8-DIOL
5 water water
#
loop_
_entity_poly.entity_id
_entity_poly.type
_entity_poly.pdbx_seq_one_letter_code
_entity_poly.pdbx_strand_id
1 'polypeptide(L)'
;MDPMIKRSKKNSLALSLTADQMVSALLDAEPPILYSEYDPTRPFSEASMMGLLTNLADRELVHMINWAKRVPGFVDLTLH
DQVHLLECAWLEILMIGLVWRSMEHPGKLLFAPNLLLDRNQGK(CCS)VEGMVEIFDMLLATSSRFRMMNLQGEEFVCLK
SIILLNSGVYTFLSSTLKSLEEKDHIHRVLDKITDTLIHLMAKAGLTLQQQHQRLAQLLLILSHIRHMSNKGMEHLYSMK
CKNVVPLYDLLLEMLDAHRLHAPTS
;
A,B
2 'polypeptide(L)' KHKILHRLLQDSS C,D
#
loop_
_chem_comp.id
_chem_comp.type
_chem_comp.name
_chem_comp.formula
CL non-polymer 'CHLORIDE ION' 'Cl -1'
ETC non-polymer (R,R)-5,11-CIS-DIETHYL-5,6,11,12-TETRAHYDROCHRYSENE-2,8-DIOL 'C22 H24 O2'
#
# COMPACT_ATOMS: atom_id res chain seq x y z
N SER A 12 0.16 29.48 -4.20
CA SER A 12 1.07 28.35 -4.51
C SER A 12 1.42 28.33 -5.99
N LEU A 13 2.70 28.50 -6.29
CA LEU A 13 3.17 28.49 -7.67
C LEU A 13 3.01 27.09 -8.24
N ALA A 14 2.96 26.11 -7.35
CA ALA A 14 2.82 24.71 -7.74
C ALA A 14 1.51 24.48 -8.51
N LEU A 15 0.41 24.95 -7.93
CA LEU A 15 -0.90 24.78 -8.55
C LEU A 15 -1.03 25.50 -9.89
N SER A 16 -0.03 26.31 -10.22
CA SER A 16 -0.04 27.06 -11.48
C SER A 16 0.87 26.48 -12.55
N LEU A 17 1.70 25.50 -12.19
CA LEU A 17 2.61 24.89 -13.13
C LEU A 17 1.89 24.09 -14.20
N THR A 18 2.45 24.08 -15.41
CA THR A 18 1.88 23.30 -16.51
C THR A 18 2.49 21.91 -16.38
N ALA A 19 2.01 20.96 -17.18
CA ALA A 19 2.53 19.60 -17.12
C ALA A 19 4.04 19.56 -17.38
N ASP A 20 4.48 20.19 -18.46
CA ASP A 20 5.90 20.19 -18.80
C ASP A 20 6.74 20.90 -17.75
N GLN A 21 6.17 21.90 -17.08
CA GLN A 21 6.89 22.62 -16.04
C GLN A 21 6.97 21.75 -14.78
N MET A 22 5.99 20.87 -14.61
CA MET A 22 5.96 19.99 -13.46
C MET A 22 7.08 18.96 -13.64
N VAL A 23 7.13 18.36 -14.82
CA VAL A 23 8.15 17.37 -15.15
C VAL A 23 9.53 17.98 -14.98
N SER A 24 9.69 19.19 -15.49
CA SER A 24 10.96 19.91 -15.41
C SER A 24 11.40 20.14 -13.96
N ALA A 25 10.50 20.63 -13.13
CA ALA A 25 10.81 20.88 -11.73
C ALA A 25 11.20 19.59 -11.01
N LEU A 26 10.46 18.50 -11.25
CA LEU A 26 10.76 17.23 -10.61
C LEU A 26 12.07 16.61 -11.08
N LEU A 27 12.36 16.73 -12.37
CA LEU A 27 13.60 16.20 -12.91
C LEU A 27 14.80 16.97 -12.36
N ASP A 28 14.64 18.28 -12.24
CA ASP A 28 15.73 19.11 -11.72
C ASP A 28 15.93 18.94 -10.22
N ALA A 29 14.91 18.43 -9.53
CA ALA A 29 14.99 18.23 -8.08
C ALA A 29 15.61 16.89 -7.71
N GLU A 30 15.85 16.03 -8.69
CA GLU A 30 16.43 14.72 -8.44
C GLU A 30 17.71 14.75 -7.60
N PRO A 31 17.82 13.86 -6.60
CA PRO A 31 19.02 13.82 -5.77
C PRO A 31 20.12 13.07 -6.53
N PRO A 32 21.38 13.25 -6.14
CA PRO A 32 22.46 12.54 -6.85
C PRO A 32 22.54 11.08 -6.43
N ILE A 33 23.23 10.28 -7.20
CA ILE A 33 23.40 8.87 -6.85
C ILE A 33 24.66 8.82 -5.99
N LEU A 34 24.54 8.23 -4.80
CA LEU A 34 25.67 8.17 -3.88
C LEU A 34 26.43 6.86 -3.96
N TYR A 35 27.70 6.89 -3.56
CA TYR A 35 28.54 5.70 -3.59
C TYR A 35 28.58 5.06 -2.20
N SER A 36 28.78 3.75 -2.16
N SER A 36 28.75 3.75 -2.14
CA SER A 36 28.86 3.00 -0.92
CA SER A 36 28.82 3.09 -0.84
C SER A 36 30.32 3.07 -0.45
C SER A 36 30.29 3.18 -0.42
N GLU A 37 30.58 2.84 0.84
CA GLU A 37 31.95 2.88 1.33
C GLU A 37 32.78 1.94 0.44
N TYR A 38 33.87 2.44 -0.13
CA TYR A 38 34.71 1.64 -1.03
C TYR A 38 35.44 0.42 -0.46
N ASP A 39 35.84 -0.46 -1.36
CA ASP A 39 36.56 -1.68 -1.06
C ASP A 39 36.13 -2.42 0.21
N PRO A 40 34.83 -2.77 0.31
CA PRO A 40 34.35 -3.48 1.50
C PRO A 40 34.90 -4.92 1.51
N THR A 41 35.13 -5.46 2.70
CA THR A 41 35.65 -6.82 2.83
C THR A 41 34.56 -7.85 2.55
N ARG A 42 34.82 -8.73 1.60
CA ARG A 42 33.86 -9.77 1.24
C ARG A 42 34.42 -11.15 1.56
N PRO A 43 33.55 -12.12 1.90
CA PRO A 43 32.09 -11.99 1.99
C PRO A 43 31.68 -11.10 3.16
N PHE A 44 30.45 -10.60 3.15
CA PHE A 44 29.96 -9.75 4.23
C PHE A 44 29.48 -10.59 5.40
N SER A 45 29.56 -10.02 6.59
CA SER A 45 29.05 -10.68 7.78
C SER A 45 27.72 -9.97 7.92
N GLU A 46 26.84 -10.45 8.78
CA GLU A 46 25.55 -9.78 8.96
C GLU A 46 25.76 -8.34 9.40
N ALA A 47 26.68 -8.14 10.33
CA ALA A 47 26.97 -6.81 10.85
C ALA A 47 27.67 -5.88 9.86
N SER A 48 28.55 -6.43 9.03
CA SER A 48 29.26 -5.58 8.07
C SER A 48 28.36 -5.14 6.92
N MET A 49 27.46 -6.01 6.47
CA MET A 49 26.55 -5.64 5.38
C MET A 49 25.60 -4.54 5.85
N MET A 50 25.02 -4.71 7.02
CA MET A 50 24.10 -3.72 7.57
C MET A 50 24.84 -2.40 7.80
N GLY A 51 26.12 -2.50 8.16
CA GLY A 51 26.92 -1.32 8.38
C GLY A 51 27.05 -0.54 7.10
N LEU A 52 27.35 -1.23 6.00
CA LEU A 52 27.49 -0.57 4.70
C LEU A 52 26.16 0.04 4.25
N LEU A 53 25.08 -0.75 4.32
CA LEU A 53 23.77 -0.29 3.89
C LEU A 53 23.19 0.84 4.74
N THR A 54 23.37 0.77 6.06
CA THR A 54 22.85 1.83 6.93
C THR A 54 23.65 3.11 6.72
N ASN A 55 24.95 2.98 6.46
CA ASN A 55 25.79 4.16 6.22
C ASN A 55 25.28 4.86 4.94
N LEU A 56 25.01 4.07 3.91
CA LEU A 56 24.50 4.63 2.65
C LEU A 56 23.13 5.29 2.89
N ALA A 57 22.21 4.58 3.52
CA ALA A 57 20.86 5.11 3.77
C ALA A 57 20.88 6.43 4.53
N ASP A 58 21.75 6.52 5.54
CA ASP A 58 21.86 7.72 6.33
C ASP A 58 22.25 8.93 5.47
N ARG A 59 23.20 8.74 4.56
CA ARG A 59 23.61 9.84 3.70
C ARG A 59 22.50 10.16 2.68
N GLU A 60 21.84 9.11 2.20
CA GLU A 60 20.73 9.29 1.26
C GLU A 60 19.58 10.09 1.87
N LEU A 61 19.32 9.87 3.16
CA LEU A 61 18.24 10.59 3.84
C LEU A 61 18.47 12.10 3.86
N VAL A 62 19.72 12.53 3.97
CA VAL A 62 20.02 13.94 4.00
C VAL A 62 19.63 14.56 2.67
N HIS A 63 19.96 13.88 1.57
CA HIS A 63 19.63 14.36 0.23
C HIS A 63 18.12 14.30 -0.05
N MET A 64 17.45 13.33 0.56
CA MET A 64 16.01 13.15 0.40
C MET A 64 15.26 14.35 1.00
N ILE A 65 15.69 14.75 2.20
CA ILE A 65 15.07 15.87 2.89
C ILE A 65 15.16 17.13 2.02
N ASN A 66 16.30 17.32 1.37
CA ASN A 66 16.48 18.48 0.51
C ASN A 66 15.75 18.34 -0.82
N TRP A 67 15.55 17.09 -1.27
CA TRP A 67 14.80 16.85 -2.50
C TRP A 67 13.32 17.20 -2.25
N ALA A 68 12.82 16.79 -1.08
CA ALA A 68 11.42 17.02 -0.69
C ALA A 68 11.04 18.49 -0.73
N LYS A 69 11.97 19.34 -0.29
CA LYS A 69 11.75 20.78 -0.28
C LYS A 69 11.55 21.33 -1.70
N ARG A 70 12.05 20.59 -2.69
N ARG A 70 12.05 20.58 -2.69
CA ARG A 70 11.93 21.03 -4.08
CA ARG A 70 11.94 21.02 -4.08
C ARG A 70 10.72 20.43 -4.80
C ARG A 70 10.73 20.43 -4.79
N VAL A 71 9.98 19.57 -4.11
CA VAL A 71 8.79 18.96 -4.70
C VAL A 71 7.67 19.98 -4.59
N PRO A 72 7.12 20.44 -5.72
CA PRO A 72 6.05 21.43 -5.74
C PRO A 72 4.95 21.23 -4.68
N GLY A 73 4.76 22.25 -3.86
CA GLY A 73 3.73 22.20 -2.83
C GLY A 73 4.21 21.85 -1.43
N PHE A 74 5.26 21.05 -1.35
CA PHE A 74 5.79 20.61 -0.08
C PHE A 74 6.18 21.77 0.83
N VAL A 75 6.72 22.84 0.24
CA VAL A 75 7.13 24.02 1.01
C VAL A 75 5.92 24.74 1.61
N ASP A 76 4.77 24.58 0.95
CA ASP A 76 3.54 25.22 1.40
C ASP A 76 2.96 24.60 2.67
N LEU A 77 3.49 23.45 3.08
CA LEU A 77 3.00 22.77 4.27
C LEU A 77 3.74 23.24 5.51
N THR A 78 3.14 23.00 6.68
CA THR A 78 3.77 23.39 7.94
C THR A 78 4.93 22.44 8.25
N LEU A 79 5.85 22.90 9.09
CA LEU A 79 7.00 22.10 9.47
C LEU A 79 6.56 20.78 10.08
N HIS A 80 5.49 20.84 10.88
CA HIS A 80 4.97 19.64 11.51
C HIS A 80 4.49 18.63 10.46
N ASP A 81 3.82 19.12 9.43
CA ASP A 81 3.33 18.25 8.36
C ASP A 81 4.48 17.70 7.53
N GLN A 82 5.42 18.56 7.18
CA GLN A 82 6.58 18.15 6.39
C GLN A 82 7.30 17.01 7.11
N VAL A 83 7.50 17.18 8.41
CA VAL A 83 8.15 16.16 9.23
C VAL A 83 7.36 14.85 9.16
N HIS A 84 6.05 14.96 9.31
CA HIS A 84 5.15 13.79 9.30
C HIS A 84 5.21 13.01 7.98
N LEU A 85 5.12 13.71 6.86
CA LEU A 85 5.14 13.04 5.56
C LEU A 85 6.46 12.31 5.32
N LEU A 86 7.57 12.94 5.68
CA LEU A 86 8.88 12.32 5.49
C LEU A 86 9.07 11.12 6.41
N GLU A 87 8.63 11.25 7.66
CA GLU A 87 8.75 10.14 8.61
C GLU A 87 7.93 8.93 8.15
N CYS A 88 6.80 9.20 7.50
N CYS A 88 6.80 9.20 7.50
CA CYS A 88 5.96 8.11 7.02
CA CYS A 88 5.94 8.13 7.01
C CYS A 88 6.48 7.50 5.72
C CYS A 88 6.44 7.51 5.70
N ALA A 89 6.99 8.35 4.83
CA ALA A 89 7.46 7.89 3.52
C ALA A 89 8.93 7.62 3.23
N TRP A 90 9.84 7.96 4.14
CA TRP A 90 11.26 7.79 3.83
C TRP A 90 11.71 6.44 3.27
N LEU A 91 11.29 5.33 3.89
CA LEU A 91 11.73 4.02 3.40
C LEU A 91 11.10 3.69 2.04
N GLU A 92 9.86 4.11 1.83
CA GLU A 92 9.20 3.87 0.54
C GLU A 92 10.00 4.58 -0.56
N ILE A 93 10.44 5.78 -0.25
CA ILE A 93 11.22 6.60 -1.19
C ILE A 93 12.61 5.99 -1.43
N LEU A 94 13.23 5.45 -0.39
CA LEU A 94 14.53 4.80 -0.57
C LEU A 94 14.34 3.58 -1.46
N MET A 95 13.29 2.79 -1.19
CA MET A 95 13.04 1.57 -1.96
C MET A 95 12.73 1.80 -3.43
N ILE A 96 11.89 2.78 -3.75
CA ILE A 96 11.56 3.00 -5.15
C ILE A 96 12.76 3.54 -5.92
N GLY A 97 13.62 4.29 -5.24
CA GLY A 97 14.81 4.80 -5.90
C GLY A 97 15.72 3.62 -6.23
N LEU A 98 15.81 2.68 -5.28
CA LEU A 98 16.62 1.48 -5.46
C LEU A 98 16.07 0.63 -6.60
N VAL A 99 14.75 0.49 -6.65
CA VAL A 99 14.14 -0.32 -7.70
C VAL A 99 14.39 0.31 -9.06
N TRP A 100 14.37 1.65 -9.09
CA TRP A 100 14.62 2.38 -10.33
C TRP A 100 16.05 2.21 -10.82
N ARG A 101 17.02 2.32 -9.91
CA ARG A 101 18.43 2.18 -10.27
C ARG A 101 18.73 0.76 -10.74
N SER A 102 17.94 -0.21 -10.26
CA SER A 102 18.16 -1.61 -10.57
C SER A 102 17.44 -2.14 -11.82
N MET A 103 16.59 -1.33 -12.42
CA MET A 103 15.83 -1.76 -13.61
C MET A 103 16.65 -2.46 -14.68
N GLU A 104 17.76 -1.86 -15.09
CA GLU A 104 18.61 -2.40 -16.15
C GLU A 104 19.55 -3.52 -15.69
N HIS A 105 19.42 -3.97 -14.45
CA HIS A 105 20.27 -5.05 -13.93
C HIS A 105 19.46 -6.23 -13.42
N PRO A 106 18.87 -7.01 -14.34
CA PRO A 106 18.06 -8.18 -13.97
C PRO A 106 18.72 -9.04 -12.90
N GLY A 107 17.95 -9.41 -11.89
CA GLY A 107 18.48 -10.25 -10.81
C GLY A 107 19.35 -9.58 -9.76
N LYS A 108 19.71 -8.31 -9.95
CA LYS A 108 20.55 -7.64 -8.98
C LYS A 108 19.98 -6.31 -8.51
N LEU A 109 20.38 -5.90 -7.30
CA LEU A 109 19.97 -4.63 -6.72
C LEU A 109 21.16 -3.68 -6.71
N LEU A 110 21.04 -2.57 -7.42
CA LEU A 110 22.12 -1.59 -7.50
C LEU A 110 22.01 -0.58 -6.37
N PHE A 111 22.51 -0.94 -5.20
CA PHE A 111 22.47 -0.02 -4.05
C PHE A 111 23.30 1.22 -4.33
N ALA A 112 24.38 1.04 -5.06
CA ALA A 112 25.27 2.15 -5.41
C ALA A 112 26.06 1.68 -6.64
N PRO A 113 26.59 2.61 -7.44
CA PRO A 113 27.35 2.22 -8.63
C PRO A 113 28.45 1.20 -8.33
N ASN A 114 29.02 1.30 -7.13
CA ASN A 114 30.09 0.39 -6.74
C ASN A 114 29.59 -0.72 -5.83
N LEU A 115 28.26 -0.89 -5.76
CA LEU A 115 27.68 -1.95 -4.93
C LEU A 115 26.43 -2.59 -5.56
N LEU A 116 26.65 -3.58 -6.42
CA LEU A 116 25.55 -4.29 -7.08
C LEU A 116 25.44 -5.68 -6.46
N LEU A 117 24.40 -5.90 -5.66
CA LEU A 117 24.21 -7.18 -4.97
C LEU A 117 23.16 -8.10 -5.58
N ASP A 118 23.32 -9.41 -5.35
CA ASP A 118 22.39 -10.43 -5.83
C ASP A 118 21.60 -10.92 -4.63
N ARG A 119 20.49 -11.62 -4.88
CA ARG A 119 19.65 -12.12 -3.79
C ARG A 119 20.40 -13.04 -2.85
N ASN A 120 21.37 -13.78 -3.37
CA ASN A 120 22.16 -14.69 -2.55
C ASN A 120 22.88 -13.96 -1.43
N GLN A 121 23.39 -12.77 -1.74
CA GLN A 121 24.11 -11.97 -0.76
C GLN A 121 23.13 -11.42 0.28
N GLY A 122 21.84 -11.52 -0.03
CA GLY A 122 20.83 -11.05 0.90
C GLY A 122 20.64 -12.04 2.03
N LYS A 123 21.19 -13.24 1.86
CA LYS A 123 21.08 -14.27 2.88
C LYS A 123 22.13 -14.05 3.97
N CCS A 124 22.99 -13.06 3.76
CA CCS A 124 24.05 -12.73 4.72
CB CCS A 124 25.03 -11.74 4.10
SG CCS A 124 25.93 -12.36 2.64
C CCS A 124 23.43 -12.11 5.97
O CCS A 124 24.08 -12.01 7.01
N VAL A 125 22.17 -11.70 5.85
CA VAL A 125 21.45 -11.10 6.96
C VAL A 125 20.13 -11.85 7.15
N GLU A 126 19.86 -12.27 8.36
CA GLU A 126 18.63 -13.01 8.66
C GLU A 126 17.37 -12.20 8.35
N GLY A 127 16.49 -12.79 7.55
CA GLY A 127 15.24 -12.13 7.20
C GLY A 127 15.31 -11.16 6.03
N MET A 128 16.52 -10.87 5.55
CA MET A 128 16.71 -9.92 4.45
C MET A 128 16.39 -10.45 3.05
N VAL A 129 16.66 -11.73 2.80
CA VAL A 129 16.41 -12.29 1.48
C VAL A 129 14.96 -12.13 1.02
N GLU A 130 14.02 -12.20 1.96
CA GLU A 130 12.61 -12.06 1.64
C GLU A 130 12.34 -10.65 1.10
N ILE A 131 12.98 -9.66 1.69
CA ILE A 131 12.81 -8.28 1.25
C ILE A 131 13.50 -8.07 -0.10
N PHE A 132 14.68 -8.68 -0.28
CA PHE A 132 15.40 -8.56 -1.54
C PHE A 132 14.57 -9.12 -2.70
N ASP A 133 13.87 -10.23 -2.46
CA ASP A 133 13.05 -10.86 -3.49
C ASP A 133 11.89 -9.96 -3.93
N MET A 134 11.23 -9.30 -2.97
CA MET A 134 10.12 -8.41 -3.32
C MET A 134 10.67 -7.24 -4.14
N LEU A 135 11.79 -6.70 -3.69
CA LEU A 135 12.42 -5.57 -4.39
C LEU A 135 12.77 -5.93 -5.83
N LEU A 136 13.30 -7.14 -6.02
CA LEU A 136 13.67 -7.63 -7.36
C LEU A 136 12.47 -7.81 -8.26
N ALA A 137 11.37 -8.30 -7.68
CA ALA A 137 10.14 -8.50 -8.44
C ALA A 137 9.59 -7.15 -8.89
N THR A 138 9.73 -6.13 -8.05
CA THR A 138 9.24 -4.79 -8.39
C THR A 138 10.07 -4.23 -9.52
N SER A 139 11.38 -4.48 -9.48
CA SER A 139 12.26 -3.97 -10.52
C SER A 139 11.94 -4.64 -11.86
N SER A 140 11.65 -5.94 -11.83
CA SER A 140 11.31 -6.67 -13.05
C SER A 140 9.98 -6.17 -13.59
N ARG A 141 9.10 -5.76 -12.68
CA ARG A 141 7.79 -5.25 -13.07
C ARG A 141 7.97 -3.91 -13.78
N PHE A 142 8.86 -3.06 -13.27
CA PHE A 142 9.10 -1.77 -13.93
C PHE A 142 9.79 -1.98 -15.28
N ARG A 143 10.60 -3.03 -15.36
CA ARG A 143 11.32 -3.33 -16.60
C ARG A 143 10.33 -3.70 -17.70
N MET A 144 9.40 -4.60 -17.38
CA MET A 144 8.38 -5.03 -18.33
C MET A 144 7.54 -3.85 -18.79
N MET A 145 7.13 -3.02 -17.85
CA MET A 145 6.33 -1.85 -18.16
C MET A 145 7.11 -0.79 -18.91
N ASN A 146 8.43 -0.94 -18.90
CA ASN A 146 9.32 0.03 -19.56
C ASN A 146 9.07 1.40 -18.93
N LEU A 147 9.16 1.46 -17.61
CA LEU A 147 8.94 2.71 -16.89
C LEU A 147 9.93 3.79 -17.31
N GLN A 148 9.41 4.98 -17.62
CA GLN A 148 10.23 6.10 -18.04
C GLN A 148 10.64 6.98 -16.85
N GLY A 149 11.70 7.77 -17.06
CA GLY A 149 12.20 8.64 -16.02
C GLY A 149 11.22 9.72 -15.56
N GLU A 150 10.45 10.25 -16.50
CA GLU A 150 9.49 11.30 -16.17
C GLU A 150 8.35 10.72 -15.34
N GLU A 151 8.05 9.44 -15.56
CA GLU A 151 6.98 8.79 -14.82
C GLU A 151 7.48 8.45 -13.43
N PHE A 152 8.75 8.04 -13.35
CA PHE A 152 9.36 7.67 -12.08
C PHE A 152 9.36 8.83 -11.09
N VAL A 153 9.81 10.01 -11.53
CA VAL A 153 9.85 11.16 -10.63
C VAL A 153 8.44 11.56 -10.18
N CYS A 154 7.45 11.34 -11.03
CA CYS A 154 6.07 11.65 -10.66
C CYS A 154 5.65 10.70 -9.53
N LEU A 155 5.93 9.41 -9.70
CA LEU A 155 5.57 8.41 -8.69
C LEU A 155 6.25 8.66 -7.35
N LYS A 156 7.50 9.10 -7.40
CA LYS A 156 8.25 9.37 -6.18
C LYS A 156 7.60 10.51 -5.40
N SER A 157 7.15 11.54 -6.11
CA SER A 157 6.49 12.67 -5.48
C SER A 157 5.11 12.29 -4.92
N ILE A 158 4.43 11.36 -5.58
CA ILE A 158 3.11 10.90 -5.12
C ILE A 158 3.29 10.16 -3.79
N ILE A 159 4.37 9.39 -3.69
CA ILE A 159 4.64 8.65 -2.47
C ILE A 159 4.81 9.60 -1.28
N LEU A 160 5.55 10.67 -1.50
CA LEU A 160 5.80 11.65 -0.45
C LEU A 160 4.53 12.31 0.07
N LEU A 161 3.69 12.77 -0.86
CA LEU A 161 2.45 13.46 -0.51
C LEU A 161 1.31 12.57 -0.06
N ASN A 162 1.24 11.34 -0.57
CA ASN A 162 0.16 10.44 -0.24
C ASN A 162 0.33 9.53 0.98
N SER A 163 1.56 9.08 1.22
CA SER A 163 1.79 8.14 2.31
C SER A 163 1.37 8.55 3.72
N GLY A 164 1.46 9.84 4.03
CA GLY A 164 1.07 10.28 5.35
C GLY A 164 -0.15 11.19 5.35
N VAL A 165 -0.69 11.48 4.16
CA VAL A 165 -1.84 12.36 4.03
C VAL A 165 -3.04 11.92 4.88
N TYR A 166 -3.17 10.62 5.10
CA TYR A 166 -4.27 10.09 5.90
C TYR A 166 -3.82 9.74 7.31
N LEU A 176 -7.80 20.00 7.53
CA LEU A 176 -8.40 19.78 6.18
C LEU A 176 -7.88 20.82 5.19
N GLU A 177 -7.44 21.96 5.70
CA GLU A 177 -6.91 23.03 4.87
C GLU A 177 -5.65 22.54 4.15
N GLU A 178 -4.80 21.86 4.90
CA GLU A 178 -3.56 21.31 4.36
C GLU A 178 -3.88 20.15 3.42
N LYS A 179 -4.81 19.30 3.85
CA LYS A 179 -5.22 18.14 3.07
C LYS A 179 -5.72 18.51 1.68
N ASP A 180 -6.52 19.57 1.58
CA ASP A 180 -7.05 20.01 0.30
C ASP A 180 -5.94 20.41 -0.67
N HIS A 181 -4.97 21.17 -0.17
CA HIS A 181 -3.85 21.61 -0.99
C HIS A 181 -3.04 20.41 -1.49
N ILE A 182 -2.86 19.43 -0.60
CA ILE A 182 -2.13 18.22 -0.96
C ILE A 182 -2.88 17.44 -2.03
N HIS A 183 -4.20 17.33 -1.88
CA HIS A 183 -5.02 16.61 -2.83
C HIS A 183 -5.02 17.32 -4.18
N ARG A 184 -4.91 18.64 -4.17
CA ARG A 184 -4.88 19.42 -5.39
C ARG A 184 -3.57 19.14 -6.14
N VAL A 185 -2.47 19.08 -5.39
CA VAL A 185 -1.16 18.82 -5.98
C VAL A 185 -1.13 17.39 -6.51
N LEU A 186 -1.72 16.47 -5.76
CA LEU A 186 -1.76 15.07 -6.20
C LEU A 186 -2.52 15.00 -7.52
N ASP A 187 -3.60 15.78 -7.63
CA ASP A 187 -4.39 15.82 -8.85
C ASP A 187 -3.55 16.37 -10.02
N LYS A 188 -2.68 17.34 -9.73
CA LYS A 188 -1.84 17.91 -10.79
C LYS A 188 -0.80 16.91 -11.26
N ILE A 189 -0.32 16.07 -10.35
CA ILE A 189 0.67 15.07 -10.72
C ILE A 189 -0.01 14.03 -11.60
N THR A 190 -1.27 13.73 -11.30
CA THR A 190 -2.04 12.76 -12.11
C THR A 190 -2.13 13.32 -13.53
N ASP A 191 -2.52 14.59 -13.65
CA ASP A 191 -2.64 15.23 -14.95
C ASP A 191 -1.31 15.13 -15.72
N THR A 192 -0.21 15.31 -15.00
CA THR A 192 1.12 15.25 -15.60
C THR A 192 1.40 13.85 -16.17
N LEU A 193 1.07 12.82 -15.40
CA LEU A 193 1.28 11.43 -15.84
C LEU A 193 0.48 11.12 -17.10
N ILE A 194 -0.76 11.57 -17.13
CA ILE A 194 -1.62 11.34 -18.29
C ILE A 194 -1.04 12.09 -19.49
N HIS A 195 -0.54 13.29 -19.24
CA HIS A 195 0.07 14.12 -20.28
C HIS A 195 1.22 13.36 -20.94
N LEU A 196 2.10 12.81 -20.10
CA LEU A 196 3.26 12.06 -20.58
C LEU A 196 2.84 10.85 -21.41
N MET A 197 1.80 10.14 -20.98
CA MET A 197 1.34 8.96 -21.71
C MET A 197 0.69 9.38 -23.03
N ALA A 198 -0.01 10.50 -23.02
CA ALA A 198 -0.66 11.00 -24.23
C ALA A 198 0.42 11.29 -25.29
N LYS A 199 1.55 11.84 -24.84
CA LYS A 199 2.67 12.16 -25.73
C LYS A 199 3.36 10.89 -26.24
N ALA A 200 3.29 9.82 -25.46
CA ALA A 200 3.91 8.57 -25.84
C ALA A 200 3.09 7.85 -26.91
N GLY A 201 1.97 8.48 -27.31
CA GLY A 201 1.11 7.89 -28.32
C GLY A 201 0.09 6.89 -27.82
N LEU A 202 -0.14 6.84 -26.51
CA LEU A 202 -1.11 5.90 -25.95
C LEU A 202 -2.55 6.36 -26.18
N THR A 203 -3.45 5.42 -26.42
CA THR A 203 -4.86 5.77 -26.61
C THR A 203 -5.40 6.11 -25.23
N LEU A 204 -6.64 6.59 -25.18
CA LEU A 204 -7.25 6.93 -23.89
C LEU A 204 -7.34 5.71 -23.00
N GLN A 205 -7.74 4.58 -23.58
CA GLN A 205 -7.86 3.36 -22.80
C GLN A 205 -6.52 2.93 -22.23
N GLN A 206 -5.48 2.98 -23.05
CA GLN A 206 -4.13 2.60 -22.63
C GLN A 206 -3.59 3.53 -21.55
N GLN A 207 -3.92 4.82 -21.65
CA GLN A 207 -3.48 5.81 -20.67
C GLN A 207 -4.03 5.47 -19.29
N HIS A 208 -5.34 5.22 -19.22
CA HIS A 208 -6.00 4.89 -17.97
C HIS A 208 -5.49 3.58 -17.39
N GLN A 209 -5.25 2.61 -18.26
CA GLN A 209 -4.76 1.31 -17.81
C GLN A 209 -3.34 1.40 -17.24
N ARG A 210 -2.49 2.19 -17.90
CA ARG A 210 -1.11 2.34 -17.45
C ARG A 210 -1.08 3.14 -16.15
N LEU A 211 -1.95 4.13 -16.04
CA LEU A 211 -2.01 4.94 -14.83
C LEU A 211 -2.37 4.03 -13.65
N ALA A 212 -3.35 3.16 -13.84
CA ALA A 212 -3.76 2.24 -12.79
C ALA A 212 -2.62 1.29 -12.44
N GLN A 213 -1.94 0.78 -13.47
CA GLN A 213 -0.83 -0.15 -13.27
C GLN A 213 0.26 0.48 -12.42
N LEU A 214 0.58 1.74 -12.71
CA LEU A 214 1.61 2.46 -11.97
C LEU A 214 1.22 2.73 -10.53
N LEU A 215 -0.02 3.13 -10.30
CA LEU A 215 -0.45 3.44 -8.94
C LEU A 215 -0.60 2.19 -8.08
N LEU A 216 -0.96 1.06 -8.68
CA LEU A 216 -1.10 -0.18 -7.94
C LEU A 216 0.27 -0.69 -7.46
N ILE A 217 1.34 -0.27 -8.14
CA ILE A 217 2.69 -0.67 -7.74
C ILE A 217 2.99 -0.01 -6.40
N LEU A 218 2.44 1.17 -6.20
CA LEU A 218 2.67 1.90 -4.95
C LEU A 218 2.13 1.14 -3.74
N SER A 219 1.19 0.24 -3.99
N SER A 219 1.18 0.24 -3.96
CA SER A 219 0.60 -0.57 -2.93
CA SER A 219 0.64 -0.54 -2.85
C SER A 219 1.62 -1.61 -2.49
C SER A 219 1.66 -1.60 -2.47
N HIS A 220 2.38 -2.12 -3.47
CA HIS A 220 3.41 -3.12 -3.20
C HIS A 220 4.60 -2.45 -2.53
N ILE A 221 4.90 -1.23 -2.94
CA ILE A 221 6.01 -0.50 -2.33
C ILE A 221 5.67 -0.19 -0.87
N ARG A 222 4.40 0.14 -0.59
CA ARG A 222 4.01 0.41 0.80
C ARG A 222 4.19 -0.89 1.61
N HIS A 223 3.83 -2.01 1.00
CA HIS A 223 3.93 -3.31 1.66
C HIS A 223 5.39 -3.63 2.03
N MET A 224 6.30 -3.45 1.07
CA MET A 224 7.72 -3.71 1.32
C MET A 224 8.28 -2.79 2.40
N SER A 225 7.85 -1.54 2.41
CA SER A 225 8.29 -0.58 3.41
C SER A 225 7.81 -0.99 4.80
N ASN A 226 6.57 -1.45 4.90
CA ASN A 226 6.05 -1.90 6.20
C ASN A 226 6.88 -3.09 6.69
N LYS A 227 7.19 -4.01 5.78
CA LYS A 227 7.99 -5.20 6.12
C LYS A 227 9.43 -4.84 6.43
N GLY A 228 9.95 -3.85 5.72
CA GLY A 228 11.33 -3.44 5.93
C GLY A 228 11.46 -2.77 7.28
N MET A 229 10.47 -1.96 7.64
CA MET A 229 10.46 -1.24 8.91
C MET A 229 10.43 -2.21 10.09
N GLU A 230 9.65 -3.29 9.97
CA GLU A 230 9.56 -4.29 11.03
C GLU A 230 10.90 -5.02 11.16
N HIS A 231 11.48 -5.37 10.02
CA HIS A 231 12.76 -6.05 9.99
C HIS A 231 13.88 -5.15 10.53
N LEU A 232 13.76 -3.85 10.32
CA LEU A 232 14.75 -2.90 10.79
C LEU A 232 14.72 -2.80 12.31
N TYR A 233 13.52 -2.79 12.88
CA TYR A 233 13.37 -2.72 14.33
C TYR A 233 13.80 -4.04 14.94
N SER A 234 13.96 -5.05 14.07
CA SER A 234 14.38 -6.38 14.49
C SER A 234 15.90 -6.43 14.59
N MET A 235 16.58 -5.85 13.61
CA MET A 235 18.04 -5.82 13.60
C MET A 235 18.53 -4.91 14.73
N LYS A 236 17.78 -3.85 14.97
CA LYS A 236 18.11 -2.88 16.01
C LYS A 236 18.29 -3.53 17.37
N CYS A 237 17.26 -4.23 17.84
CA CYS A 237 17.30 -4.89 19.14
C CYS A 237 18.42 -5.94 19.25
N LYS A 238 18.93 -6.39 18.10
CA LYS A 238 20.00 -7.38 18.08
C LYS A 238 21.37 -6.70 18.01
N ASN A 239 21.37 -5.38 18.15
CA ASN A 239 22.61 -4.60 18.12
C ASN A 239 23.45 -4.85 16.87
N VAL A 240 22.79 -5.17 15.76
CA VAL A 240 23.48 -5.45 14.51
C VAL A 240 23.59 -4.20 13.63
N VAL A 241 22.78 -3.20 13.94
CA VAL A 241 22.77 -1.96 13.18
C VAL A 241 23.56 -0.83 13.86
N PRO A 242 24.37 -0.10 13.09
CA PRO A 242 25.16 1.01 13.64
C PRO A 242 24.25 2.10 14.17
N LEU A 243 24.77 2.94 15.06
CA LEU A 243 23.98 4.01 15.65
C LEU A 243 23.95 5.30 14.83
N TYR A 244 23.37 5.24 13.63
CA TYR A 244 23.27 6.44 12.81
C TYR A 244 22.04 7.20 13.24
N ASP A 245 22.26 8.28 13.99
CA ASP A 245 21.22 9.14 14.53
C ASP A 245 19.98 9.37 13.67
N LEU A 246 20.16 10.00 12.51
CA LEU A 246 19.02 10.29 11.63
C LEU A 246 18.22 9.03 11.30
N LEU A 247 18.90 8.00 10.80
CA LEU A 247 18.23 6.76 10.44
C LEU A 247 17.44 6.19 11.63
N LEU A 248 18.01 6.29 12.83
CA LEU A 248 17.33 5.78 14.02
C LEU A 248 16.10 6.59 14.38
N GLU A 249 16.20 7.91 14.27
CA GLU A 249 15.05 8.76 14.58
C GLU A 249 13.91 8.44 13.62
N MET A 250 14.23 8.34 12.34
CA MET A 250 13.23 8.04 11.31
C MET A 250 12.54 6.73 11.63
N LEU A 251 13.32 5.77 12.12
CA LEU A 251 12.80 4.46 12.47
C LEU A 251 11.90 4.55 13.70
N ASP A 252 12.32 5.35 14.68
CA ASP A 252 11.54 5.53 15.90
C ASP A 252 10.20 6.21 15.63
N ALA A 253 10.13 6.99 14.56
CA ALA A 253 8.89 7.68 14.21
C ALA A 253 7.74 6.69 14.06
N HIS A 254 8.07 5.43 13.84
CA HIS A 254 7.07 4.38 13.67
C HIS A 254 6.85 3.58 14.96
N SER B 12 -9.80 -17.46 -20.74
CA SER B 12 -10.61 -16.84 -19.65
C SER B 12 -11.87 -16.17 -20.20
N LEU B 13 -13.02 -16.50 -19.60
CA LEU B 13 -14.30 -15.94 -20.02
C LEU B 13 -14.46 -14.50 -19.55
N ALA B 14 -13.81 -14.16 -18.45
CA ALA B 14 -13.89 -12.81 -17.88
C ALA B 14 -13.43 -11.70 -18.81
N LEU B 15 -12.48 -12.00 -19.69
CA LEU B 15 -11.92 -11.01 -20.60
C LEU B 15 -12.86 -10.50 -21.68
N SER B 16 -13.92 -11.26 -21.97
CA SER B 16 -14.86 -10.85 -23.01
C SER B 16 -16.06 -10.07 -22.46
N LEU B 17 -16.21 -10.04 -21.15
CA LEU B 17 -17.32 -9.34 -20.53
C LEU B 17 -17.27 -7.84 -20.80
N THR B 18 -18.44 -7.21 -20.88
CA THR B 18 -18.50 -5.77 -21.09
C THR B 18 -18.38 -5.15 -19.70
N ALA B 19 -18.30 -3.84 -19.62
CA ALA B 19 -18.20 -3.15 -18.34
C ALA B 19 -19.47 -3.37 -17.54
N ASP B 20 -20.62 -3.35 -18.21
CA ASP B 20 -21.90 -3.55 -17.53
C ASP B 20 -22.02 -4.96 -16.97
N GLN B 21 -21.57 -5.94 -17.73
CA GLN B 21 -21.64 -7.32 -17.28
C GLN B 21 -20.66 -7.54 -16.13
N MET B 22 -19.52 -6.87 -16.20
CA MET B 22 -18.53 -6.98 -15.14
C MET B 22 -19.14 -6.48 -13.83
N VAL B 23 -19.74 -5.30 -13.86
CA VAL B 23 -20.37 -4.72 -12.67
C VAL B 23 -21.48 -5.61 -12.11
N SER B 24 -22.34 -6.12 -13.00
CA SER B 24 -23.44 -7.00 -12.60
C SER B 24 -22.89 -8.26 -11.92
N ALA B 25 -21.87 -8.86 -12.51
CA ALA B 25 -21.27 -10.06 -11.95
C ALA B 25 -20.75 -9.77 -10.54
N LEU B 26 -20.00 -8.69 -10.39
CA LEU B 26 -19.44 -8.30 -9.10
C LEU B 26 -20.53 -7.99 -8.06
N LEU B 27 -21.57 -7.26 -8.47
CA LEU B 27 -22.67 -6.95 -7.55
C LEU B 27 -23.36 -8.23 -7.08
N ASP B 28 -23.59 -9.16 -8.00
CA ASP B 28 -24.26 -10.42 -7.66
C ASP B 28 -23.46 -11.36 -6.78
N ALA B 29 -22.13 -11.22 -6.79
CA ALA B 29 -21.26 -12.07 -5.99
C ALA B 29 -21.10 -11.52 -4.56
N GLU B 30 -21.60 -10.32 -4.32
CA GLU B 30 -21.45 -9.71 -3.01
C GLU B 30 -21.88 -10.63 -1.88
N PRO B 31 -21.05 -10.77 -0.84
CA PRO B 31 -21.40 -11.63 0.29
C PRO B 31 -22.45 -10.95 1.15
N PRO B 32 -23.12 -11.71 2.03
CA PRO B 32 -24.15 -11.14 2.89
C PRO B 32 -23.57 -10.45 4.12
N ILE B 33 -24.39 -9.61 4.75
CA ILE B 33 -23.97 -8.92 5.95
C ILE B 33 -24.27 -9.88 7.11
N LEU B 34 -23.26 -10.22 7.89
CA LEU B 34 -23.45 -11.14 9.00
C LEU B 34 -23.69 -10.40 10.31
N TYR B 35 -24.31 -11.08 11.27
CA TYR B 35 -24.57 -10.51 12.56
C TYR B 35 -23.56 -11.03 13.57
N SER B 36 -23.30 -10.19 14.56
CA SER B 36 -22.40 -10.57 15.64
C SER B 36 -23.20 -11.45 16.59
N GLU B 37 -22.51 -12.23 17.39
CA GLU B 37 -23.20 -13.05 18.38
C GLU B 37 -23.92 -12.00 19.23
N TYR B 38 -25.11 -12.33 19.73
CA TYR B 38 -25.87 -11.38 20.54
C TYR B 38 -25.44 -11.39 22.00
N ASP B 39 -25.59 -10.25 22.67
CA ASP B 39 -25.21 -10.08 24.08
C ASP B 39 -25.41 -8.62 24.47
N PRO B 40 -26.33 -8.34 25.39
CA PRO B 40 -26.62 -6.99 25.85
C PRO B 40 -25.49 -6.32 26.64
N THR B 41 -24.81 -7.10 27.47
CA THR B 41 -23.73 -6.61 28.31
C THR B 41 -22.75 -5.62 27.67
N ARG B 42 -22.74 -4.41 28.23
CA ARG B 42 -21.87 -3.33 27.79
C ARG B 42 -21.30 -2.67 29.06
N PRO B 43 -20.03 -2.25 29.01
CA PRO B 43 -19.12 -2.36 27.87
C PRO B 43 -18.49 -3.74 27.77
N PHE B 44 -17.60 -3.91 26.80
CA PHE B 44 -16.94 -5.20 26.63
C PHE B 44 -15.63 -5.19 27.40
N SER B 45 -15.07 -6.37 27.59
CA SER B 45 -13.77 -6.51 28.24
C SER B 45 -12.84 -6.73 27.06
N GLU B 46 -11.54 -6.78 27.31
CA GLU B 46 -10.60 -7.00 26.20
C GLU B 46 -10.87 -8.34 25.54
N ALA B 47 -11.14 -9.36 26.36
CA ALA B 47 -11.39 -10.70 25.86
C ALA B 47 -12.76 -10.89 25.21
N SER B 48 -13.79 -10.26 25.77
CA SER B 48 -15.14 -10.40 25.23
C SER B 48 -15.22 -9.72 23.86
N MET B 49 -14.62 -8.54 23.73
CA MET B 49 -14.63 -7.82 22.47
C MET B 49 -13.87 -8.60 21.40
N MET B 50 -12.69 -9.09 21.76
CA MET B 50 -11.89 -9.85 20.80
C MET B 50 -12.58 -11.17 20.47
N GLY B 51 -13.35 -11.67 21.43
CA GLY B 51 -14.08 -12.91 21.22
C GLY B 51 -15.16 -12.67 20.17
N LEU B 52 -15.86 -11.55 20.28
CA LEU B 52 -16.91 -11.24 19.32
C LEU B 52 -16.34 -10.97 17.93
N LEU B 53 -15.28 -10.19 17.86
CA LEU B 53 -14.66 -9.84 16.59
C LEU B 53 -14.02 -10.99 15.84
N THR B 54 -13.34 -11.89 16.54
CA THR B 54 -12.71 -13.02 15.86
C THR B 54 -13.75 -14.03 15.40
N ASN B 55 -14.84 -14.17 16.18
CA ASN B 55 -15.89 -15.09 15.80
C ASN B 55 -16.55 -14.59 14.50
N LEU B 56 -16.75 -13.29 14.43
CA LEU B 56 -17.36 -12.67 13.25
C LEU B 56 -16.43 -12.77 12.04
N ALA B 57 -15.16 -12.43 12.26
CA ALA B 57 -14.15 -12.50 11.21
C ALA B 57 -14.08 -13.90 10.62
N ASP B 58 -14.08 -14.90 11.49
CA ASP B 58 -13.99 -16.30 11.05
C ASP B 58 -15.17 -16.69 10.16
N ARG B 59 -16.37 -16.22 10.50
CA ARG B 59 -17.53 -16.54 9.70
C ARG B 59 -17.50 -15.76 8.38
N GLU B 60 -17.01 -14.52 8.44
CA GLU B 60 -16.91 -13.69 7.24
C GLU B 60 -15.93 -14.29 6.23
N LEU B 61 -14.87 -14.89 6.74
CA LEU B 61 -13.88 -15.51 5.88
C LEU B 61 -14.47 -16.60 4.98
N VAL B 62 -15.39 -17.38 5.53
CA VAL B 62 -16.02 -18.45 4.75
C VAL B 62 -16.77 -17.84 3.55
N HIS B 63 -17.52 -16.76 3.79
CA HIS B 63 -18.24 -16.08 2.73
C HIS B 63 -17.29 -15.38 1.75
N MET B 64 -16.15 -14.90 2.26
CA MET B 64 -15.17 -14.24 1.39
C MET B 64 -14.65 -15.24 0.37
N ILE B 65 -14.37 -16.46 0.82
CA ILE B 65 -13.87 -17.49 -0.07
C ILE B 65 -14.88 -17.75 -1.20
N ASN B 66 -16.14 -17.88 -0.85
CA ASN B 66 -17.15 -18.11 -1.88
C ASN B 66 -17.34 -16.89 -2.78
N TRP B 67 -17.16 -15.69 -2.22
CA TRP B 67 -17.26 -14.47 -3.01
C TRP B 67 -16.13 -14.44 -4.04
N ALA B 68 -14.92 -14.78 -3.59
CA ALA B 68 -13.76 -14.78 -4.48
C ALA B 68 -13.98 -15.67 -5.71
N LYS B 69 -14.56 -16.84 -5.49
CA LYS B 69 -14.80 -17.78 -6.58
C LYS B 69 -15.73 -17.20 -7.64
N ARG B 70 -16.51 -16.19 -7.27
CA ARG B 70 -17.45 -15.55 -8.19
C ARG B 70 -16.88 -14.29 -8.81
N VAL B 71 -15.62 -13.99 -8.51
CA VAL B 71 -14.97 -12.82 -9.08
C VAL B 71 -14.44 -13.25 -10.46
N PRO B 72 -14.93 -12.63 -11.53
CA PRO B 72 -14.52 -12.95 -12.90
C PRO B 72 -13.01 -13.12 -13.07
N GLY B 73 -12.60 -14.32 -13.48
CA GLY B 73 -11.19 -14.58 -13.70
C GLY B 73 -10.49 -15.33 -12.58
N PHE B 74 -11.07 -15.31 -11.40
CA PHE B 74 -10.46 -15.99 -10.26
C PHE B 74 -10.47 -17.51 -10.37
N VAL B 75 -11.58 -18.10 -10.80
CA VAL B 75 -11.64 -19.56 -10.93
C VAL B 75 -10.71 -20.07 -12.03
N ASP B 76 -10.31 -19.18 -12.93
CA ASP B 76 -9.41 -19.54 -14.02
C ASP B 76 -7.98 -19.77 -13.54
N LEU B 77 -7.70 -19.38 -12.31
CA LEU B 77 -6.36 -19.54 -11.74
C LEU B 77 -6.25 -20.92 -11.11
N THR B 78 -5.02 -21.40 -10.91
CA THR B 78 -4.81 -22.69 -10.27
C THR B 78 -5.12 -22.58 -8.78
N LEU B 79 -5.39 -23.70 -8.13
CA LEU B 79 -5.70 -23.70 -6.72
C LEU B 79 -4.60 -22.99 -5.94
N HIS B 80 -3.36 -23.31 -6.27
CA HIS B 80 -2.19 -22.70 -5.63
C HIS B 80 -2.24 -21.17 -5.68
N ASP B 81 -2.54 -20.63 -6.85
CA ASP B 81 -2.61 -19.18 -7.02
C ASP B 81 -3.81 -18.59 -6.27
N GLN B 82 -4.94 -19.28 -6.34
CA GLN B 82 -6.13 -18.81 -5.63
C GLN B 82 -5.83 -18.70 -4.14
N VAL B 83 -5.16 -19.72 -3.60
CA VAL B 83 -4.80 -19.76 -2.20
C VAL B 83 -3.88 -18.59 -1.83
N HIS B 84 -2.87 -18.38 -2.66
CA HIS B 84 -1.90 -17.33 -2.44
C HIS B 84 -2.57 -15.94 -2.40
N LEU B 85 -3.45 -15.67 -3.36
CA LEU B 85 -4.13 -14.39 -3.39
C LEU B 85 -4.98 -14.15 -2.14
N LEU B 86 -5.77 -15.14 -1.73
CA LEU B 86 -6.60 -14.97 -0.54
C LEU B 86 -5.76 -14.80 0.72
N GLU B 87 -4.67 -15.57 0.82
CA GLU B 87 -3.80 -15.47 1.98
C GLU B 87 -3.17 -14.07 2.13
N CYS B 88 -2.81 -13.45 1.01
CA CYS B 88 -2.22 -12.12 1.06
C CYS B 88 -3.24 -11.00 1.26
N ALA B 89 -4.44 -11.18 0.71
CA ALA B 89 -5.45 -10.12 0.77
C ALA B 89 -6.61 -10.20 1.75
N TRP B 90 -6.75 -11.29 2.50
CA TRP B 90 -7.92 -11.45 3.37
C TRP B 90 -8.22 -10.33 4.35
N LEU B 91 -7.20 -9.75 4.98
CA LEU B 91 -7.45 -8.69 5.95
C LEU B 91 -7.80 -7.38 5.25
N GLU B 92 -7.15 -7.10 4.13
CA GLU B 92 -7.46 -5.90 3.34
C GLU B 92 -8.92 -5.95 2.89
N ILE B 93 -9.36 -7.13 2.48
CA ILE B 93 -10.74 -7.34 2.02
C ILE B 93 -11.72 -7.20 3.17
N LEU B 94 -11.39 -7.72 4.35
CA LEU B 94 -12.28 -7.54 5.50
C LEU B 94 -12.34 -6.05 5.87
N MET B 95 -11.20 -5.38 5.81
CA MET B 95 -11.15 -3.97 6.16
C MET B 95 -11.92 -3.07 5.21
N ILE B 96 -11.79 -3.30 3.90
CA ILE B 96 -12.49 -2.43 2.98
C ILE B 96 -13.99 -2.65 3.08
N GLY B 97 -14.38 -3.87 3.46
CA GLY B 97 -15.79 -4.16 3.60
C GLY B 97 -16.33 -3.39 4.80
N LEU B 98 -15.56 -3.40 5.88
CA LEU B 98 -15.95 -2.69 7.10
C LEU B 98 -16.03 -1.19 6.84
N VAL B 99 -15.02 -0.66 6.16
CA VAL B 99 -15.00 0.77 5.85
C VAL B 99 -16.24 1.14 5.01
N TRP B 100 -16.60 0.26 4.08
CA TRP B 100 -17.75 0.50 3.22
C TRP B 100 -19.08 0.59 3.98
N ARG B 101 -19.38 -0.41 4.80
CA ARG B 101 -20.64 -0.38 5.53
C ARG B 101 -20.67 0.64 6.68
N SER B 102 -19.51 1.19 7.04
CA SER B 102 -19.42 2.18 8.10
C SER B 102 -19.67 3.60 7.57
N MET B 103 -19.77 3.75 6.25
CA MET B 103 -19.99 5.05 5.63
C MET B 103 -21.25 5.76 6.06
N GLU B 104 -22.31 5.00 6.31
CA GLU B 104 -23.58 5.57 6.74
C GLU B 104 -23.50 6.05 8.18
N HIS B 105 -22.48 5.58 8.92
CA HIS B 105 -22.32 5.94 10.32
C HIS B 105 -21.03 6.69 10.65
N PRO B 106 -20.91 7.94 10.21
CA PRO B 106 -19.70 8.74 10.47
C PRO B 106 -19.29 8.65 11.93
N GLY B 107 -17.99 8.44 12.17
CA GLY B 107 -17.50 8.34 13.53
C GLY B 107 -17.57 6.95 14.17
N LYS B 108 -18.23 6.00 13.51
CA LYS B 108 -18.35 4.66 14.06
C LYS B 108 -17.99 3.59 13.04
N LEU B 109 -17.67 2.39 13.54
CA LEU B 109 -17.34 1.26 12.69
C LEU B 109 -18.44 0.22 12.84
N LEU B 110 -19.16 -0.05 11.75
CA LEU B 110 -20.24 -1.01 11.76
C LEU B 110 -19.73 -2.42 11.44
N PHE B 111 -19.26 -3.13 12.46
CA PHE B 111 -18.76 -4.49 12.25
C PHE B 111 -19.92 -5.38 11.84
N ALA B 112 -21.09 -5.10 12.40
CA ALA B 112 -22.31 -5.84 12.07
C ALA B 112 -23.48 -4.94 12.45
N PRO B 113 -24.66 -5.20 11.89
CA PRO B 113 -25.81 -4.35 12.23
C PRO B 113 -26.06 -4.25 13.75
N ASN B 114 -25.72 -5.30 14.49
CA ASN B 114 -25.91 -5.30 15.94
C ASN B 114 -24.59 -5.09 16.68
N LEU B 115 -23.60 -4.54 15.99
CA LEU B 115 -22.31 -4.28 16.60
C LEU B 115 -21.64 -3.05 15.99
N LEU B 116 -22.15 -1.89 16.37
CA LEU B 116 -21.64 -0.60 15.90
C LEU B 116 -20.74 -0.07 17.03
N LEU B 117 -19.44 0.01 16.78
CA LEU B 117 -18.50 0.47 17.80
C LEU B 117 -17.97 1.88 17.54
N ASP B 118 -17.54 2.53 18.61
CA ASP B 118 -16.98 3.88 18.54
C ASP B 118 -15.49 3.81 18.85
N ARG B 119 -14.78 4.90 18.58
CA ARG B 119 -13.34 4.96 18.84
C ARG B 119 -12.98 4.59 20.27
N ASN B 120 -13.76 5.11 21.23
CA ASN B 120 -13.51 4.83 22.65
C ASN B 120 -13.53 3.34 22.95
N GLN B 121 -14.45 2.62 22.30
CA GLN B 121 -14.56 1.18 22.52
C GLN B 121 -13.35 0.46 21.94
N GLY B 122 -12.57 1.17 21.13
CA GLY B 122 -11.39 0.57 20.55
C GLY B 122 -10.27 0.49 21.57
N LYS B 123 -10.37 1.30 22.62
CA LYS B 123 -9.36 1.31 23.67
C LYS B 123 -9.46 0.12 24.63
N CCS B 124 -10.57 -0.60 24.56
CA CCS B 124 -10.76 -1.76 25.44
CB CCS B 124 -12.17 -2.33 25.27
SG CCS B 124 -13.46 -1.13 25.76
CD CCS B 124 -14.97 -1.98 25.16
CE CCS B 124 -16.21 -1.15 25.45
OZ1 CCS B 124 -17.34 -1.64 25.18
OZ2 CCS B 124 -16.07 -0.01 25.95
C CCS B 124 -9.72 -2.84 25.14
O CCS B 124 -9.44 -3.70 25.97
N VAL B 125 -9.17 -2.80 23.93
CA VAL B 125 -8.15 -3.76 23.51
C VAL B 125 -6.88 -2.95 23.22
N GLU B 126 -5.79 -3.29 23.89
CA GLU B 126 -4.55 -2.55 23.69
C GLU B 126 -4.05 -2.62 22.24
N GLY B 127 -3.63 -1.47 21.72
CA GLY B 127 -3.12 -1.40 20.37
C GLY B 127 -4.20 -1.32 19.30
N MET B 128 -5.46 -1.45 19.69
CA MET B 128 -6.55 -1.42 18.74
C MET B 128 -7.03 -0.02 18.34
N VAL B 129 -6.93 0.93 19.26
CA VAL B 129 -7.39 2.29 18.95
C VAL B 129 -6.66 2.90 17.75
N GLU B 130 -5.38 2.59 17.59
CA GLU B 130 -4.60 3.10 16.46
C GLU B 130 -5.18 2.58 15.15
N ILE B 131 -5.62 1.33 15.15
CA ILE B 131 -6.20 0.74 13.94
C ILE B 131 -7.59 1.30 13.68
N PHE B 132 -8.37 1.45 14.75
CA PHE B 132 -9.73 1.99 14.60
C PHE B 132 -9.65 3.36 13.97
N ASP B 133 -8.67 4.16 14.40
CA ASP B 133 -8.55 5.51 13.86
C ASP B 133 -8.20 5.56 12.38
N MET B 134 -7.35 4.65 11.93
CA MET B 134 -7.01 4.62 10.51
C MET B 134 -8.26 4.19 9.72
N LEU B 135 -9.01 3.23 10.23
CA LEU B 135 -10.20 2.74 9.56
C LEU B 135 -11.26 3.85 9.49
N LEU B 136 -11.45 4.58 10.58
CA LEU B 136 -12.43 5.67 10.60
C LEU B 136 -12.06 6.78 9.62
N ALA B 137 -10.77 7.07 9.47
CA ALA B 137 -10.32 8.10 8.54
C ALA B 137 -10.55 7.65 7.09
N THR B 138 -10.38 6.36 6.83
CA THR B 138 -10.57 5.84 5.49
C THR B 138 -12.04 5.93 5.10
N SER B 139 -12.91 5.62 6.06
CA SER B 139 -14.34 5.67 5.85
C SER B 139 -14.77 7.11 5.57
N SER B 140 -14.21 8.04 6.32
CA SER B 140 -14.51 9.45 6.14
C SER B 140 -14.07 9.88 4.74
N ARG B 141 -12.90 9.40 4.32
CA ARG B 141 -12.37 9.71 3.01
C ARG B 141 -13.30 9.21 1.90
N PHE B 142 -13.81 7.99 2.06
CA PHE B 142 -14.72 7.42 1.07
C PHE B 142 -16.05 8.16 1.08
N ARG B 143 -16.51 8.52 2.28
CA ARG B 143 -17.77 9.24 2.41
C ARG B 143 -17.69 10.59 1.70
N MET B 144 -16.58 11.30 1.88
CA MET B 144 -16.42 12.59 1.23
C MET B 144 -16.29 12.49 -0.29
N MET B 145 -15.73 11.38 -0.77
CA MET B 145 -15.59 11.17 -2.21
C MET B 145 -16.91 10.70 -2.78
N ASN B 146 -17.82 10.34 -1.88
CA ASN B 146 -19.13 9.84 -2.26
C ASN B 146 -18.98 8.56 -3.08
N LEU B 147 -18.20 7.63 -2.54
CA LEU B 147 -17.96 6.35 -3.20
C LEU B 147 -19.27 5.63 -3.49
N GLN B 148 -19.42 5.13 -4.71
CA GLN B 148 -20.63 4.41 -5.10
C GLN B 148 -20.44 2.92 -4.90
N GLY B 149 -21.54 2.20 -4.70
CA GLY B 149 -21.49 0.76 -4.51
C GLY B 149 -20.82 0.05 -5.66
N GLU B 150 -21.08 0.51 -6.87
CA GLU B 150 -20.48 -0.10 -8.06
C GLU B 150 -18.96 0.08 -8.10
N GLU B 151 -18.47 1.23 -7.63
CA GLU B 151 -17.03 1.48 -7.58
C GLU B 151 -16.41 0.63 -6.48
N PHE B 152 -17.14 0.52 -5.36
CA PHE B 152 -16.67 -0.28 -4.23
C PHE B 152 -16.40 -1.74 -4.62
N VAL B 153 -17.33 -2.37 -5.35
CA VAL B 153 -17.12 -3.77 -5.72
C VAL B 153 -15.91 -3.93 -6.64
N CYS B 154 -15.65 -2.93 -7.48
CA CYS B 154 -14.47 -3.00 -8.34
C CYS B 154 -13.21 -2.92 -7.49
N LEU B 155 -13.18 -1.97 -6.55
CA LEU B 155 -12.02 -1.81 -5.69
C LEU B 155 -11.71 -3.08 -4.91
N LYS B 156 -12.75 -3.70 -4.37
CA LYS B 156 -12.56 -4.93 -3.59
C LYS B 156 -11.94 -6.04 -4.45
N SER B 157 -12.38 -6.13 -5.71
CA SER B 157 -11.83 -7.13 -6.62
C SER B 157 -10.38 -6.82 -6.98
N ILE B 158 -10.06 -5.53 -7.11
CA ILE B 158 -8.69 -5.14 -7.44
C ILE B 158 -7.76 -5.57 -6.29
N ILE B 159 -8.23 -5.42 -5.05
CA ILE B 159 -7.43 -5.80 -3.88
C ILE B 159 -7.13 -7.29 -3.94
N LEU B 160 -8.16 -8.09 -4.21
CA LEU B 160 -7.99 -9.54 -4.31
C LEU B 160 -6.96 -9.93 -5.37
N LEU B 161 -7.07 -9.38 -6.58
CA LEU B 161 -6.17 -9.75 -7.65
C LEU B 161 -4.79 -9.09 -7.64
N ASN B 162 -4.67 -7.93 -7.03
CA ASN B 162 -3.40 -7.22 -7.03
C ASN B 162 -2.46 -7.45 -5.85
N SER B 163 -3.02 -7.59 -4.66
CA SER B 163 -2.20 -7.72 -3.46
C SER B 163 -1.06 -8.75 -3.47
N GLY B 164 -1.33 -9.96 -3.95
CA GLY B 164 -0.27 -10.95 -3.97
C GLY B 164 0.34 -11.23 -5.32
N VAL B 165 -0.09 -10.48 -6.33
CA VAL B 165 0.39 -10.68 -7.70
C VAL B 165 1.91 -10.64 -7.92
N TYR B 166 2.65 -10.00 -7.03
CA TYR B 166 4.12 -9.96 -7.17
C TYR B 166 4.91 -10.79 -6.18
N THR B 167 4.28 -11.82 -5.61
CA THR B 167 4.99 -12.69 -4.67
C THR B 167 4.74 -14.17 -4.97
N LYS B 179 0.94 -14.56 -14.51
CA LYS B 179 0.58 -13.22 -13.99
C LYS B 179 0.01 -12.35 -15.09
N ASP B 180 0.17 -12.79 -16.34
CA ASP B 180 -0.35 -12.06 -17.49
C ASP B 180 -1.87 -12.04 -17.42
N HIS B 181 -2.45 -13.16 -17.03
CA HIS B 181 -3.89 -13.27 -16.91
C HIS B 181 -4.44 -12.30 -15.88
N ILE B 182 -3.86 -12.32 -14.69
CA ILE B 182 -4.30 -11.43 -13.62
C ILE B 182 -4.17 -9.97 -14.05
N HIS B 183 -3.06 -9.64 -14.71
CA HIS B 183 -2.85 -8.27 -15.18
C HIS B 183 -3.90 -7.88 -16.21
N ARG B 184 -4.31 -8.83 -17.05
CA ARG B 184 -5.33 -8.56 -18.06
C ARG B 184 -6.69 -8.33 -17.40
N VAL B 185 -6.95 -9.05 -16.31
CA VAL B 185 -8.21 -8.89 -15.60
C VAL B 185 -8.24 -7.54 -14.88
N LEU B 186 -7.08 -7.10 -14.37
CA LEU B 186 -6.99 -5.82 -13.67
C LEU B 186 -7.25 -4.66 -14.62
N ASP B 187 -6.74 -4.74 -15.85
CA ASP B 187 -6.98 -3.67 -16.84
C ASP B 187 -8.49 -3.62 -17.12
N LYS B 188 -9.11 -4.79 -17.16
CA LYS B 188 -10.55 -4.92 -17.39
C LYS B 188 -11.33 -4.16 -16.33
N ILE B 189 -10.97 -4.37 -15.06
CA ILE B 189 -11.65 -3.67 -13.97
C ILE B 189 -11.40 -2.17 -14.05
N THR B 190 -10.22 -1.79 -14.51
CA THR B 190 -9.89 -0.38 -14.66
C THR B 190 -10.84 0.23 -15.68
N ASP B 191 -10.98 -0.45 -16.81
CA ASP B 191 -11.89 0.00 -17.87
C ASP B 191 -13.30 0.14 -17.30
N THR B 192 -13.69 -0.81 -16.45
CA THR B 192 -15.02 -0.78 -15.85
C THR B 192 -15.20 0.43 -14.94
N LEU B 193 -14.18 0.76 -14.15
CA LEU B 193 -14.24 1.91 -13.26
C LEU B 193 -14.42 3.23 -14.02
N ILE B 194 -13.63 3.38 -15.09
CA ILE B 194 -13.69 4.59 -15.92
C ILE B 194 -15.09 4.65 -16.56
N HIS B 195 -15.56 3.51 -17.06
CA HIS B 195 -16.87 3.40 -17.69
C HIS B 195 -17.94 3.94 -16.73
N LEU B 196 -17.87 3.52 -15.48
CA LEU B 196 -18.83 3.96 -14.46
C LEU B 196 -18.77 5.47 -14.23
N MET B 197 -17.55 6.03 -14.22
CA MET B 197 -17.39 7.47 -14.00
C MET B 197 -17.89 8.28 -15.19
N ALA B 198 -17.62 7.78 -16.39
CA ALA B 198 -18.05 8.44 -17.61
C ALA B 198 -19.58 8.46 -17.62
N LYS B 199 -20.17 7.32 -17.28
N LYS B 199 -20.20 7.33 -17.29
CA LYS B 199 -21.62 7.17 -17.24
CA LYS B 199 -21.65 7.25 -17.29
C LYS B 199 -22.24 8.06 -16.16
C LYS B 199 -22.21 8.19 -16.22
N ALA B 200 -21.46 8.40 -15.14
CA ALA B 200 -21.92 9.26 -14.06
C ALA B 200 -21.76 10.73 -14.46
N GLY B 201 -21.26 10.97 -15.67
CA GLY B 201 -21.11 12.33 -16.16
C GLY B 201 -19.81 13.08 -15.89
N LEU B 202 -18.79 12.39 -15.40
CA LEU B 202 -17.50 13.05 -15.13
C LEU B 202 -16.76 13.37 -16.41
N THR B 203 -16.05 14.50 -16.44
CA THR B 203 -15.28 14.85 -17.63
C THR B 203 -14.08 13.91 -17.69
N LEU B 204 -13.41 13.85 -18.84
CA LEU B 204 -12.24 12.99 -19.00
C LEU B 204 -11.23 13.25 -17.89
N GLN B 205 -11.02 14.52 -17.56
CA GLN B 205 -10.08 14.91 -16.53
C GLN B 205 -10.52 14.43 -15.15
N GLN B 206 -11.80 14.61 -14.85
CA GLN B 206 -12.33 14.19 -13.56
C GLN B 206 -12.25 12.68 -13.41
N GLN B 207 -12.35 11.98 -14.54
CA GLN B 207 -12.30 10.52 -14.54
C GLN B 207 -10.93 10.00 -14.12
N HIS B 208 -9.87 10.46 -14.76
CA HIS B 208 -8.56 9.95 -14.37
C HIS B 208 -8.11 10.46 -13.01
N GLN B 209 -8.61 11.62 -12.60
CA GLN B 209 -8.25 12.13 -11.29
C GLN B 209 -8.96 11.31 -10.21
N ARG B 210 -10.21 10.93 -10.45
CA ARG B 210 -10.95 10.14 -9.47
C ARG B 210 -10.36 8.73 -9.40
N LEU B 211 -9.98 8.20 -10.56
CA LEU B 211 -9.39 6.87 -10.62
C LEU B 211 -8.11 6.84 -9.77
N ALA B 212 -7.27 7.84 -9.92
CA ALA B 212 -6.03 7.90 -9.15
C ALA B 212 -6.33 8.00 -7.66
N GLN B 213 -7.30 8.85 -7.32
CA GLN B 213 -7.69 9.04 -5.92
C GLN B 213 -8.11 7.73 -5.26
N LEU B 214 -8.90 6.93 -5.99
CA LEU B 214 -9.38 5.66 -5.48
C LEU B 214 -8.26 4.65 -5.27
N LEU B 215 -7.38 4.53 -6.25
CA LEU B 215 -6.28 3.56 -6.17
C LEU B 215 -5.24 3.93 -5.11
N LEU B 216 -5.06 5.24 -4.86
CA LEU B 216 -4.11 5.68 -3.84
C LEU B 216 -4.59 5.28 -2.45
N ILE B 217 -5.91 5.25 -2.25
CA ILE B 217 -6.47 4.84 -0.97
C ILE B 217 -6.13 3.35 -0.73
N LEU B 218 -5.96 2.59 -1.81
CA LEU B 218 -5.62 1.17 -1.69
C LEU B 218 -4.26 0.96 -1.02
N SER B 219 -3.35 1.91 -1.18
CA SER B 219 -2.05 1.75 -0.52
C SER B 219 -2.23 1.98 0.98
N HIS B 220 -3.22 2.80 1.35
CA HIS B 220 -3.49 3.04 2.77
C HIS B 220 -4.15 1.81 3.38
N ILE B 221 -4.99 1.14 2.61
CA ILE B 221 -5.65 -0.08 3.06
C ILE B 221 -4.60 -1.17 3.27
N ARG B 222 -3.60 -1.19 2.39
CA ARG B 222 -2.51 -2.15 2.49
C ARG B 222 -1.75 -1.88 3.81
N HIS B 223 -1.49 -0.61 4.09
CA HIS B 223 -0.78 -0.21 5.29
C HIS B 223 -1.55 -0.65 6.55
N MET B 224 -2.86 -0.42 6.57
CA MET B 224 -3.67 -0.82 7.72
C MET B 224 -3.66 -2.33 7.92
N SER B 225 -3.69 -3.04 6.80
CA SER B 225 -3.66 -4.49 6.85
C SER B 225 -2.37 -5.00 7.49
N ASN B 226 -1.24 -4.42 7.12
CA ASN B 226 0.04 -4.84 7.68
C ASN B 226 0.11 -4.52 9.16
N LYS B 227 -0.43 -3.37 9.56
CA LYS B 227 -0.46 -2.99 10.96
C LYS B 227 -1.40 -3.90 11.74
N GLY B 228 -2.51 -4.26 11.11
CA GLY B 228 -3.48 -5.13 11.75
C GLY B 228 -2.95 -6.54 11.91
N MET B 229 -2.17 -6.98 10.92
CA MET B 229 -1.60 -8.32 10.94
C MET B 229 -0.59 -8.41 12.09
N GLU B 230 0.21 -7.35 12.26
CA GLU B 230 1.21 -7.29 13.32
C GLU B 230 0.52 -7.38 14.67
N HIS B 231 -0.51 -6.57 14.84
CA HIS B 231 -1.28 -6.52 16.08
C HIS B 231 -1.95 -7.85 16.40
N LEU B 232 -2.48 -8.53 15.39
CA LEU B 232 -3.15 -9.81 15.59
C LEU B 232 -2.17 -10.88 16.05
N TYR B 233 -0.97 -10.83 15.49
CA TYR B 233 0.09 -11.77 15.83
C TYR B 233 0.45 -11.61 17.30
N SER B 234 0.55 -10.37 17.77
CA SER B 234 0.89 -10.10 19.16
C SER B 234 -0.27 -10.48 20.08
N MET B 235 -1.50 -10.31 19.61
CA MET B 235 -2.67 -10.68 20.40
C MET B 235 -2.63 -12.20 20.57
N LYS B 236 -2.25 -12.88 19.49
CA LYS B 236 -2.15 -14.33 19.49
C LYS B 236 -1.13 -14.80 20.52
N CYS B 237 0.07 -14.25 20.48
CA CYS B 237 1.12 -14.64 21.42
C CYS B 237 0.77 -14.29 22.87
N LYS B 238 -0.06 -13.26 23.05
CA LYS B 238 -0.47 -12.86 24.38
C LYS B 238 -1.64 -13.72 24.83
N ASN B 239 -2.09 -14.61 23.95
N ASN B 239 -2.09 -14.59 23.93
CA ASN B 239 -3.21 -15.51 24.22
CA ASN B 239 -3.22 -15.50 24.13
C ASN B 239 -4.39 -14.82 24.89
C ASN B 239 -4.40 -14.84 24.83
N VAL B 240 -4.74 -13.65 24.36
CA VAL B 240 -5.85 -12.88 24.89
C VAL B 240 -7.15 -13.66 24.66
N VAL B 241 -7.11 -14.58 23.70
CA VAL B 241 -8.27 -15.40 23.36
C VAL B 241 -7.87 -16.43 22.31
N PRO B 242 -8.42 -17.66 22.40
CA PRO B 242 -8.08 -18.69 21.41
C PRO B 242 -8.59 -18.27 20.02
N LEU B 243 -7.80 -18.52 18.99
CA LEU B 243 -8.20 -18.17 17.62
C LEU B 243 -8.79 -19.36 16.87
N TYR B 244 -9.87 -19.10 16.14
CA TYR B 244 -10.54 -20.15 15.36
C TYR B 244 -9.54 -20.67 14.34
N ASP B 245 -9.73 -21.92 13.91
CA ASP B 245 -8.82 -22.55 12.96
C ASP B 245 -8.60 -21.87 11.61
N LEU B 246 -9.67 -21.43 10.96
CA LEU B 246 -9.52 -20.77 9.65
C LEU B 246 -8.77 -19.45 9.81
N LEU B 247 -9.18 -18.65 10.80
CA LEU B 247 -8.53 -17.37 11.04
C LEU B 247 -7.06 -17.58 11.34
N LEU B 248 -6.74 -18.65 12.09
CA LEU B 248 -5.35 -18.96 12.43
C LEU B 248 -4.58 -19.33 11.17
N GLU B 249 -5.19 -20.12 10.29
CA GLU B 249 -4.55 -20.50 9.04
C GLU B 249 -4.17 -19.26 8.24
N MET B 250 -5.12 -18.35 8.07
CA MET B 250 -4.89 -17.13 7.31
C MET B 250 -3.80 -16.27 7.95
N LEU B 251 -3.78 -16.23 9.28
CA LEU B 251 -2.78 -15.45 10.00
C LEU B 251 -1.39 -16.02 9.84
N ASP B 252 -1.26 -17.32 10.09
CA ASP B 252 0.03 -18.00 9.98
C ASP B 252 0.63 -17.88 8.59
N ALA B 253 -0.21 -17.74 7.57
CA ALA B 253 0.25 -17.60 6.19
C ALA B 253 1.19 -16.41 6.09
N HIS B 254 1.08 -15.50 7.05
CA HIS B 254 1.93 -14.30 7.11
C HIS B 254 3.10 -14.47 8.07
N HIS C 2 11.83 13.00 16.36
CA HIS C 2 11.78 14.02 15.28
C HIS C 2 12.64 15.23 15.63
N LYS C 3 13.93 15.00 15.80
CA LYS C 3 14.86 16.06 16.15
C LYS C 3 15.69 16.52 14.96
N ILE C 4 16.61 15.67 14.51
CA ILE C 4 17.48 15.98 13.39
C ILE C 4 16.70 16.39 12.15
N LEU C 5 15.68 15.60 11.82
CA LEU C 5 14.83 15.88 10.67
C LEU C 5 14.23 17.28 10.76
N HIS C 6 13.81 17.64 11.97
CA HIS C 6 13.23 18.95 12.23
C HIS C 6 14.23 20.04 11.82
N ARG C 7 15.42 19.95 12.38
CA ARG C 7 16.49 20.91 12.12
C ARG C 7 16.87 20.98 10.64
N LEU C 8 17.09 19.81 10.03
CA LEU C 8 17.46 19.75 8.62
C LEU C 8 16.40 20.41 7.74
N LEU C 9 15.14 20.25 8.11
CA LEU C 9 14.04 20.85 7.33
C LEU C 9 14.00 22.37 7.51
N GLN C 10 14.52 22.85 8.65
CA GLN C 10 14.54 24.27 8.94
C GLN C 10 15.72 24.98 8.28
N ASP C 11 16.87 24.32 8.24
CA ASP C 11 18.08 24.88 7.65
C ASP C 11 17.97 25.04 6.13
N LYS D 1 -0.23 -29.53 1.60
CA LYS D 1 -0.66 -29.46 3.03
C LYS D 1 -2.18 -29.39 3.14
N HIS D 2 -2.71 -29.76 4.30
CA HIS D 2 -4.14 -29.75 4.54
C HIS D 2 -4.57 -28.39 5.11
N LYS D 3 -5.39 -27.68 4.35
CA LYS D 3 -5.89 -26.38 4.79
C LYS D 3 -7.39 -26.27 4.67
N ILE D 4 -8.01 -25.60 5.63
CA ILE D 4 -9.44 -25.40 5.62
C ILE D 4 -9.73 -24.58 4.36
N LEU D 5 -8.81 -23.68 4.04
CA LEU D 5 -8.93 -22.83 2.86
C LEU D 5 -9.01 -23.68 1.59
N HIS D 6 -8.15 -24.70 1.50
CA HIS D 6 -8.15 -25.61 0.34
C HIS D 6 -9.52 -26.27 0.17
N ARG D 7 -10.03 -26.79 1.27
CA ARG D 7 -11.33 -27.46 1.31
C ARG D 7 -12.47 -26.54 0.88
N LEU D 8 -12.48 -25.33 1.43
CA LEU D 8 -13.53 -24.37 1.11
C LEU D 8 -13.46 -23.89 -0.34
N LEU D 9 -12.25 -23.75 -0.87
CA LEU D 9 -12.06 -23.30 -2.24
C LEU D 9 -12.53 -24.35 -3.27
N GLN D 10 -12.44 -25.63 -2.92
CA GLN D 10 -12.88 -26.69 -3.82
C GLN D 10 -14.31 -27.11 -3.50
CL CL E . 27.97 11.05 0.12
C22 ETC F . 20.12 0.05 6.13
C21 ETC F . 19.46 -0.40 4.83
C11 ETC F . 18.17 0.40 4.58
C12 ETC F . 17.17 0.16 5.72
C9 ETC F . 17.58 -0.01 3.22
C8 ETC F . 16.65 -0.98 3.13
C14 ETC F . 16.22 -1.72 4.34
C15 ETC F . 15.57 -2.98 4.24
C16 ETC F . 15.24 -3.69 5.39
C17 ETC F . 15.58 -3.17 6.62
O25 ETC F . 15.30 -3.88 7.75
C18 ETC F . 16.22 -1.94 6.76
C13 ETC F . 16.54 -1.21 5.61
C10 ETC F . 18.03 0.71 2.04
C5 ETC F . 17.20 0.74 0.91
C6 ETC F . 15.91 -0.07 0.90
C7 ETC F . 16.07 -1.36 1.75
C20 ETC F . 17.00 -2.34 1.01
C19 ETC F . 17.01 -3.71 1.68
C4 ETC F . 17.55 1.51 -0.20
C3 ETC F . 18.76 2.21 -0.17
O23 ETC F . 19.11 2.99 -1.23
C2 ETC F . 19.62 2.15 0.92
C1 ETC F . 19.27 1.40 2.03
C22 ETC G . -10.92 -10.10 15.04
C21 ETC G . -11.11 -8.76 14.31
C11 ETC G . -10.60 -8.85 12.87
C12 ETC G . -9.10 -9.20 12.85
C9 ETC G . -10.85 -7.53 12.14
C8 ETC G . -9.94 -6.53 12.17
C14 ETC G . -8.66 -6.70 12.90
C15 ETC G . -7.86 -5.59 13.28
C16 ETC G . -6.69 -5.81 14.02
C17 ETC G . -6.34 -7.12 14.38
O25 ETC G . -5.21 -7.31 15.13
C18 ETC G . -7.11 -8.21 14.03
C13 ETC G . -8.26 -8.02 13.28
C10 ETC G . -12.07 -7.40 11.41
C5 ETC G . -12.18 -6.43 10.39
C6 ETC G . -11.03 -5.48 10.14
C7 ETC G . -10.24 -5.19 11.45
C20 ETC G . -11.11 -4.26 12.32
C19 ETC G . -10.30 -3.62 13.45
C4 ETC G . -13.32 -6.36 9.60
C3 ETC G . -14.35 -7.25 9.85
O23 ETC G . -15.46 -7.23 9.04
C2 ETC G . -14.29 -8.22 10.85
C1 ETC G . -13.15 -8.29 11.64
#